data_2PUX
#
_entry.id   2PUX
#
_cell.length_a   146.025
_cell.length_b   48.188
_cell.length_c   62.046
_cell.angle_alpha   90.00
_cell.angle_beta   106.23
_cell.angle_gamma   90.00
#
_symmetry.space_group_name_H-M   'C 1 2 1'
#
loop_
_entity.id
_entity.type
_entity.pdbx_description
1 polymer 'Thrombin light chain'
2 polymer 'Thrombin heavy chain'
3 polymer 'Proteinase-activated receptor 3'
4 non-polymer 2-acetamido-2-deoxy-beta-D-glucopyranose
5 water water
#
loop_
_entity_poly.entity_id
_entity_poly.type
_entity_poly.pdbx_seq_one_letter_code
_entity_poly.pdbx_strand_id
1 'polypeptide(L)' FHTFFNEKTFGLGEADCGLRPLFEKKSLKDTTEKELLDSYIDGR A
2 'polypeptide(L)'
;IVEGWDAEKGIAPWQVMLFRKSPQELLCGASLISDRWVLTAAHCILYPPWDKNFTENDLLVRIGKHSRTRYERNVEKISM
LEKIYVHPRYNWRENLDRDIALLKLKKPVPFSDYIHPVCLPDKQTVTSLLRAGYKGRVTGWGNLRETWTTNINEIQPSVL
QVVNLPIVERPVCKASTRIRITDNMFCAGFKVNDTKRGDACEGDAGGPFVMKSPFNNRWYQMGIVSWGEGCDRKGKYGFY
THVFRLKRWIQKVIDQFG
;
B
3 'polypeptide(L)' QNTFEEFPLSDIE C
#
loop_
_chem_comp.id
_chem_comp.type
_chem_comp.name
_chem_comp.formula
NAG D-saccharide, beta linking 2-acetamido-2-deoxy-beta-D-glucopyranose 'C8 H15 N O6'
#
# COMPACT_ATOMS: atom_id res chain seq x y z
N PHE A 1 -16.50 4.25 -16.31
CA PHE A 1 -15.54 4.85 -15.33
C PHE A 1 -15.20 6.30 -15.70
N HIS A 2 -15.23 7.21 -14.71
CA HIS A 2 -14.92 8.62 -14.98
C HIS A 2 -13.48 9.00 -14.57
N THR A 3 -12.66 9.39 -15.53
CA THR A 3 -11.26 9.77 -15.25
C THR A 3 -11.20 11.10 -14.50
N PHE A 4 -10.15 11.28 -13.72
CA PHE A 4 -9.98 12.48 -12.92
C PHE A 4 -8.69 13.25 -13.25
N PHE A 5 -7.67 12.53 -13.69
CA PHE A 5 -6.41 13.15 -14.04
C PHE A 5 -6.24 13.33 -15.55
N ASN A 6 -5.13 13.93 -15.96
CA ASN A 6 -4.85 14.13 -17.37
C ASN A 6 -3.72 13.21 -17.83
N GLU A 7 -4.01 12.35 -18.79
CA GLU A 7 -3.08 11.38 -19.33
C GLU A 7 -1.67 11.93 -19.59
N LYS A 8 -1.63 13.18 -20.04
CA LYS A 8 -0.38 13.82 -20.37
C LYS A 8 0.62 13.85 -19.20
N THR A 9 0.13 14.11 -17.99
CA THR A 9 0.98 14.20 -16.80
C THR A 9 0.85 12.99 -15.88
N PHE A 10 -0.31 12.33 -15.92
CA PHE A 10 -0.59 11.16 -15.11
C PHE A 10 -0.04 9.89 -15.72
N GLY A 11 0.10 9.89 -17.04
CA GLY A 11 0.57 8.71 -17.74
C GLY A 11 -0.65 7.86 -18.08
N LEU A 12 -0.41 6.63 -18.51
CA LEU A 12 -1.46 5.70 -18.90
C LEU A 12 -1.98 4.89 -17.74
N GLY A 13 -3.20 4.37 -17.86
CA GLY A 13 -3.73 3.52 -16.82
C GLY A 13 -5.03 3.85 -16.09
N GLU A 14 -5.35 5.13 -15.96
CA GLU A 14 -6.56 5.49 -15.23
C GLU A 14 -7.85 4.83 -15.69
N ALA A 15 -8.10 4.85 -16.99
CA ALA A 15 -9.33 4.29 -17.52
C ALA A 15 -9.51 2.79 -17.25
N ASP A 16 -8.41 2.08 -17.09
CA ASP A 16 -8.48 0.65 -16.85
C ASP A 16 -8.05 0.26 -15.42
N CYS A 17 -7.90 1.25 -14.55
CA CYS A 17 -7.48 0.99 -13.17
C CYS A 17 -8.39 0.03 -12.44
N GLY A 18 -7.82 -0.67 -11.45
CA GLY A 18 -8.59 -1.54 -10.60
C GLY A 18 -9.12 -2.87 -11.10
N LEU A 19 -8.83 -3.16 -12.37
CA LEU A 19 -9.29 -4.41 -12.97
C LEU A 19 -8.08 -5.30 -13.17
N ARG A 20 -8.03 -6.38 -12.40
CA ARG A 20 -6.91 -7.32 -12.44
C ARG A 20 -6.90 -8.30 -13.59
N PRO A 21 -5.77 -8.34 -14.34
CA PRO A 21 -5.60 -9.22 -15.49
C PRO A 21 -5.91 -10.67 -15.18
N LEU A 22 -5.48 -11.15 -14.01
CA LEU A 22 -5.75 -12.56 -13.72
C LEU A 22 -7.02 -12.84 -12.96
N PHE A 23 -7.82 -11.82 -12.71
CA PHE A 23 -9.07 -12.04 -11.98
C PHE A 23 -10.25 -11.42 -12.67
N GLU A 24 -10.55 -10.15 -12.39
CA GLU A 24 -11.68 -9.49 -13.03
C GLU A 24 -11.67 -9.66 -14.56
N LYS A 25 -10.51 -9.52 -15.18
CA LYS A 25 -10.44 -9.62 -16.63
C LYS A 25 -10.77 -11.00 -17.16
N LYS A 26 -10.62 -12.00 -16.32
CA LYS A 26 -10.90 -13.39 -16.68
C LYS A 26 -12.20 -13.86 -16.04
N SER A 27 -12.91 -12.95 -15.37
CA SER A 27 -14.14 -13.33 -14.68
C SER A 27 -13.83 -14.37 -13.60
N LEU A 28 -12.69 -14.22 -12.94
CA LEU A 28 -12.32 -15.12 -11.85
C LEU A 28 -12.26 -14.30 -10.56
N LYS A 29 -12.63 -14.91 -9.43
CA LYS A 29 -12.56 -14.20 -8.17
C LYS A 29 -11.45 -14.84 -7.35
N ASP A 30 -10.81 -14.05 -6.49
CA ASP A 30 -9.75 -14.61 -5.67
C ASP A 30 -10.39 -15.31 -4.47
N THR A 31 -9.59 -16.08 -3.73
CA THR A 31 -10.08 -16.84 -2.59
C THR A 31 -10.77 -16.10 -1.46
N THR A 32 -10.53 -14.80 -1.28
CA THR A 32 -11.18 -14.13 -0.15
C THR A 32 -11.90 -12.83 -0.44
N GLU A 33 -12.09 -12.48 -1.70
CA GLU A 33 -12.76 -11.22 -1.97
C GLU A 33 -14.22 -11.19 -1.53
N LYS A 34 -14.81 -12.36 -1.36
CA LYS A 34 -16.20 -12.40 -0.94
C LYS A 34 -16.38 -11.85 0.48
N GLU A 35 -15.37 -12.01 1.31
CA GLU A 35 -15.43 -11.55 2.68
C GLU A 35 -15.61 -10.04 2.68
N LEU A 36 -14.98 -9.38 1.72
CA LEU A 36 -15.07 -7.92 1.64
C LEU A 36 -16.50 -7.54 1.26
N LEU A 37 -17.04 -8.20 0.24
CA LEU A 37 -18.40 -7.92 -0.21
C LEU A 37 -19.41 -8.25 0.89
N ASP A 38 -19.24 -9.40 1.54
CA ASP A 38 -20.15 -9.75 2.64
C ASP A 38 -20.21 -8.63 3.69
N SER A 39 -19.07 -8.02 3.99
CA SER A 39 -19.06 -6.97 5.01
C SER A 39 -19.72 -5.69 4.54
N TYR A 40 -19.78 -5.48 3.22
CA TYR A 40 -20.41 -4.26 2.73
C TYR A 40 -21.93 -4.42 2.74
N ILE A 41 -22.38 -5.66 2.57
CA ILE A 41 -23.81 -5.94 2.52
C ILE A 41 -24.47 -6.27 3.85
N ASP A 42 -23.78 -7.00 4.71
CA ASP A 42 -24.34 -7.36 6.00
C ASP A 42 -24.50 -6.15 6.88
N GLY A 43 -25.72 -5.62 6.82
CA GLY A 43 -26.11 -4.42 7.54
C GLY A 43 -27.08 -3.68 6.62
N ILE B 1 2.86 -8.47 7.44
CA ILE B 1 1.42 -8.77 7.65
C ILE B 1 1.27 -9.85 8.70
N VAL B 2 0.48 -9.57 9.74
CA VAL B 2 0.24 -10.56 10.80
C VAL B 2 -1.12 -11.27 10.58
N GLU B 3 -1.12 -12.59 10.69
CA GLU B 3 -2.36 -13.37 10.51
C GLU B 3 -2.94 -13.25 9.10
N GLY B 4 -2.07 -13.07 8.12
CA GLY B 4 -2.52 -12.99 6.74
C GLY B 4 -2.25 -14.35 6.13
N TRP B 5 -2.22 -14.42 4.81
CA TRP B 5 -1.97 -15.67 4.12
C TRP B 5 -1.24 -15.36 2.82
N ASP B 6 -0.61 -16.36 2.22
CA ASP B 6 0.10 -16.12 0.97
C ASP B 6 -0.82 -15.57 -0.11
N ALA B 7 -0.33 -14.63 -0.91
CA ALA B 7 -1.13 -14.07 -1.98
C ALA B 7 -1.10 -14.99 -3.19
N GLU B 8 -2.19 -14.98 -3.94
CA GLU B 8 -2.27 -15.73 -5.19
C GLU B 8 -1.46 -14.83 -6.15
N LYS B 9 -0.89 -15.40 -7.21
CA LYS B 9 -0.15 -14.55 -8.13
C LYS B 9 -1.12 -13.55 -8.77
N GLY B 10 -0.64 -12.31 -8.97
CA GLY B 10 -1.47 -11.29 -9.57
C GLY B 10 -2.68 -10.81 -8.75
N ILE B 11 -2.78 -11.23 -7.49
CA ILE B 11 -3.94 -10.80 -6.70
C ILE B 11 -3.88 -9.30 -6.37
N ALA B 12 -2.67 -8.70 -6.37
CA ALA B 12 -2.53 -7.25 -6.11
C ALA B 12 -1.40 -6.72 -7.02
N PRO B 13 -1.66 -6.65 -8.34
CA PRO B 13 -0.72 -6.19 -9.36
C PRO B 13 -0.19 -4.77 -9.22
N TRP B 14 -0.81 -3.97 -8.37
CA TRP B 14 -0.37 -2.58 -8.13
C TRP B 14 0.59 -2.55 -6.94
N GLN B 15 0.77 -3.69 -6.28
CA GLN B 15 1.67 -3.73 -5.11
C GLN B 15 3.11 -3.47 -5.55
N VAL B 16 3.76 -2.51 -4.89
CA VAL B 16 5.13 -2.16 -5.22
C VAL B 16 6.05 -2.32 -4.02
N MET B 17 7.31 -2.63 -4.29
CA MET B 17 8.31 -2.77 -3.24
C MET B 17 9.28 -1.61 -3.32
N LEU B 18 9.42 -0.87 -2.21
CA LEU B 18 10.36 0.24 -2.16
C LEU B 18 11.68 -0.38 -1.67
N PHE B 19 12.70 -0.32 -2.53
CA PHE B 19 13.98 -0.97 -2.28
C PHE B 19 15.16 -0.01 -2.20
N ARG B 20 15.88 -0.03 -1.07
CA ARG B 20 17.03 0.86 -0.94
C ARG B 20 18.21 0.32 -1.77
N LYS B 21 18.93 1.17 -2.48
CA LYS B 21 20.05 0.69 -3.29
C LYS B 21 21.24 0.28 -2.43
N SER B 22 21.53 1.05 -1.39
CA SER B 22 22.67 0.72 -0.56
C SER B 22 22.55 1.20 0.86
N PRO B 23 22.52 0.27 1.83
CA PRO B 23 22.61 -1.17 1.57
C PRO B 23 21.30 -1.67 0.97
N GLN B 24 21.32 -2.86 0.39
CA GLN B 24 20.12 -3.41 -0.20
C GLN B 24 19.16 -3.66 0.92
N GLU B 25 17.94 -3.17 0.78
CA GLU B 25 17.01 -3.28 1.89
C GLU B 25 15.57 -3.08 1.41
N LEU B 26 14.63 -3.83 1.98
CA LEU B 26 13.22 -3.64 1.63
C LEU B 26 12.82 -2.55 2.62
N LEU B 27 12.42 -1.39 2.11
CA LEU B 27 12.08 -0.28 2.98
C LEU B 27 10.64 -0.18 3.34
N CYS B 28 9.79 -0.36 2.35
CA CYS B 28 8.37 -0.20 2.58
C CYS B 28 7.64 -0.77 1.37
N GLY B 29 6.32 -0.74 1.48
CA GLY B 29 5.48 -1.14 0.38
C GLY B 29 5.11 0.15 -0.35
N ALA B 30 4.30 0.04 -1.39
CA ALA B 30 3.90 1.22 -2.15
C ALA B 30 2.90 0.70 -3.16
N SER B 31 2.28 1.59 -3.93
CA SER B 31 1.28 1.18 -4.91
C SER B 31 1.45 1.91 -6.22
N LEU B 32 1.11 1.22 -7.30
CA LEU B 32 1.21 1.77 -8.64
C LEU B 32 -0.16 2.37 -8.97
N ILE B 33 -0.21 3.65 -9.36
CA ILE B 33 -1.49 4.23 -9.70
C ILE B 33 -1.61 4.64 -11.17
N SER B 34 -0.54 4.42 -11.92
CA SER B 34 -0.49 4.67 -13.36
C SER B 34 0.83 4.08 -13.82
N ASP B 35 1.15 4.20 -15.11
CA ASP B 35 2.42 3.66 -15.59
C ASP B 35 3.61 4.59 -15.28
N ARG B 36 3.36 5.73 -14.62
CA ARG B 36 4.45 6.67 -14.28
C ARG B 36 4.53 7.13 -12.81
N TRP B 37 3.46 6.88 -12.05
CA TRP B 37 3.40 7.30 -10.65
C TRP B 37 3.15 6.17 -9.64
N VAL B 38 3.83 6.28 -8.50
CA VAL B 38 3.74 5.32 -7.41
C VAL B 38 3.45 6.08 -6.13
N LEU B 39 2.55 5.52 -5.32
CA LEU B 39 2.16 6.16 -4.06
C LEU B 39 2.75 5.40 -2.87
N THR B 40 3.23 6.13 -1.86
CA THR B 40 3.77 5.47 -0.67
C THR B 40 3.59 6.41 0.53
N ALA B 41 4.13 6.01 1.69
CA ALA B 41 3.99 6.85 2.88
C ALA B 41 5.18 7.79 2.95
N ALA B 42 4.93 9.02 3.40
CA ALA B 42 6.01 9.98 3.51
C ALA B 42 7.08 9.55 4.54
N HIS B 43 6.67 8.93 5.65
CA HIS B 43 7.71 8.57 6.63
C HIS B 43 8.70 7.52 6.13
N CYS B 44 8.38 6.86 5.01
CA CYS B 44 9.30 5.87 4.43
C CYS B 44 10.48 6.60 3.73
N ILE B 45 10.28 7.88 3.44
CA ILE B 45 11.25 8.70 2.73
C ILE B 45 11.92 9.76 3.55
N LEU B 46 11.12 10.40 4.40
CA LEU B 46 11.59 11.51 5.22
C LEU B 46 11.28 11.41 6.72
N TYR B 47 12.34 11.37 7.51
CA TYR B 47 12.17 11.34 8.96
C TYR B 47 13.42 11.93 9.60
N PRO B 48 13.42 13.26 9.80
CA PRO B 48 14.53 14.01 10.40
C PRO B 48 15.16 13.41 11.68
N PRO B 49 14.35 12.96 12.65
CA PRO B 49 14.94 12.39 13.87
C PRO B 49 16.01 11.30 13.61
N TRP B 50 15.85 10.49 12.57
CA TRP B 50 16.84 9.45 12.30
C TRP B 50 17.72 9.83 11.13
N ASP B 51 17.73 11.11 10.78
CA ASP B 51 18.51 11.63 9.65
C ASP B 51 18.10 10.97 8.35
N LYS B 52 16.81 10.61 8.25
CA LYS B 52 16.31 9.99 7.03
C LYS B 52 15.76 11.01 6.05
N ASN B 53 16.33 11.03 4.85
CA ASN B 53 15.86 11.92 3.78
C ASN B 53 16.34 11.30 2.48
N PHE B 54 15.66 10.25 2.04
CA PHE B 54 16.04 9.57 0.81
C PHE B 54 15.69 10.38 -0.39
N THR B 55 16.60 10.43 -1.37
CA THR B 55 16.36 11.13 -2.62
C THR B 55 16.10 10.09 -3.71
N GLU B 56 15.71 10.56 -4.88
CA GLU B 56 15.41 9.71 -6.01
C GLU B 56 16.56 8.80 -6.41
N ASN B 57 17.79 9.21 -6.09
CA ASN B 57 18.99 8.46 -6.42
C ASN B 57 19.29 7.36 -5.41
N ASP B 58 18.60 7.39 -4.27
CA ASP B 58 18.82 6.42 -3.21
C ASP B 58 18.00 5.14 -3.31
N LEU B 59 16.92 5.13 -4.08
CA LEU B 59 16.10 3.91 -4.11
C LEU B 59 15.52 3.51 -5.45
N LEU B 60 14.99 2.30 -5.49
CA LEU B 60 14.36 1.77 -6.69
C LEU B 60 13.01 1.22 -6.27
N VAL B 61 12.15 0.98 -7.24
CA VAL B 61 10.86 0.35 -6.96
C VAL B 61 10.84 -0.96 -7.73
N ARG B 62 10.31 -1.99 -7.10
CA ARG B 62 10.22 -3.30 -7.73
C ARG B 62 8.72 -3.57 -7.83
N ILE B 63 8.27 -3.68 -9.08
CA ILE B 63 6.90 -3.89 -9.48
C ILE B 63 6.67 -5.30 -10.03
N GLY B 64 5.53 -5.88 -9.69
CA GLY B 64 5.22 -7.22 -10.19
C GLY B 64 5.84 -8.36 -9.40
N LYS B 65 6.27 -8.06 -8.17
CA LYS B 65 6.90 -9.09 -7.35
C LYS B 65 5.93 -9.97 -6.57
N HIS B 66 6.43 -11.15 -6.23
CA HIS B 66 5.66 -12.09 -5.42
C HIS B 66 6.61 -12.49 -4.28
N SER B 67 7.72 -13.14 -4.62
CA SER B 67 8.71 -13.53 -3.61
C SER B 67 9.31 -12.27 -2.97
N ARG B 68 9.62 -12.37 -1.68
CA ARG B 68 10.22 -11.21 -1.01
C ARG B 68 11.68 -11.00 -1.37
N THR B 69 12.44 -12.08 -1.51
CA THR B 69 13.89 -11.99 -1.75
C THR B 69 14.44 -12.37 -3.12
N ARG B 70 13.77 -13.28 -3.83
CA ARG B 70 14.26 -13.71 -5.14
C ARG B 70 14.15 -12.61 -6.21
N TYR B 71 15.03 -12.68 -7.19
CA TYR B 71 15.00 -11.78 -8.34
C TYR B 71 14.04 -12.54 -9.28
N GLU B 72 12.86 -11.98 -9.50
CA GLU B 72 11.85 -12.60 -10.33
C GLU B 72 11.98 -12.17 -11.78
N ARG B 73 13.07 -12.64 -12.37
CA ARG B 73 13.43 -12.33 -13.73
C ARG B 73 12.31 -12.59 -14.72
N ASN B 74 12.09 -11.62 -15.60
CA ASN B 74 11.06 -11.69 -16.65
C ASN B 74 9.64 -11.52 -16.11
N VAL B 75 9.50 -11.30 -14.81
CA VAL B 75 8.19 -11.07 -14.22
C VAL B 75 8.19 -9.70 -13.55
N GLU B 76 9.09 -9.47 -12.62
CA GLU B 76 9.09 -8.18 -11.97
C GLU B 76 9.83 -7.17 -12.84
N LYS B 77 9.76 -5.91 -12.43
CA LYS B 77 10.47 -4.85 -13.14
C LYS B 77 11.00 -3.90 -12.09
N ILE B 78 12.28 -3.57 -12.24
CA ILE B 78 13.01 -2.70 -11.33
C ILE B 78 13.20 -1.34 -12.01
N SER B 79 12.63 -0.30 -11.41
CA SER B 79 12.71 1.03 -11.99
C SER B 79 13.35 2.06 -11.12
N MET B 80 14.06 2.96 -11.79
CA MET B 80 14.72 4.07 -11.12
C MET B 80 13.64 5.13 -10.99
N LEU B 81 13.90 6.11 -10.14
CA LEU B 81 12.96 7.19 -9.90
C LEU B 81 13.51 8.50 -10.45
N GLU B 82 12.64 9.30 -11.02
CA GLU B 82 13.02 10.58 -11.56
C GLU B 82 12.96 11.62 -10.45
N LYS B 83 11.92 11.55 -9.63
CA LYS B 83 11.77 12.50 -8.54
C LYS B 83 10.85 11.96 -7.46
N ILE B 84 10.96 12.52 -6.26
CA ILE B 84 10.11 12.09 -5.15
C ILE B 84 9.47 13.35 -4.57
N TYR B 85 8.16 13.31 -4.34
CA TYR B 85 7.43 14.44 -3.77
C TYR B 85 6.72 14.09 -2.46
N VAL B 86 7.21 14.62 -1.35
CA VAL B 86 6.64 14.38 -0.02
C VAL B 86 5.60 15.46 0.28
N HIS B 87 4.48 15.13 0.90
CA HIS B 87 3.48 16.18 1.20
C HIS B 87 4.18 17.26 2.02
N PRO B 88 4.04 18.52 1.61
CA PRO B 88 4.65 19.67 2.28
C PRO B 88 4.21 19.92 3.74
N ARG B 89 3.07 19.36 4.14
CA ARG B 89 2.59 19.53 5.50
C ARG B 89 2.54 18.20 6.25
N TYR B 90 3.37 17.27 5.81
CA TYR B 90 3.49 15.97 6.45
C TYR B 90 4.01 16.33 7.86
N ASN B 91 3.29 15.88 8.89
CA ASN B 91 3.65 16.21 10.27
C ASN B 91 4.46 15.10 10.94
N TRP B 92 5.75 15.07 10.68
CA TRP B 92 6.57 14.03 11.26
C TRP B 92 6.83 14.23 12.74
N ARG B 93 6.84 15.48 13.20
CA ARG B 93 7.12 15.76 14.62
C ARG B 93 6.09 15.24 15.57
N GLU B 94 4.82 15.29 15.19
CA GLU B 94 3.79 14.87 16.13
C GLU B 94 3.02 13.58 15.91
N ASN B 95 2.33 13.44 14.79
CA ASN B 95 1.50 12.28 14.56
C ASN B 95 1.52 11.67 13.17
N LEU B 96 2.48 12.07 12.33
CA LEU B 96 2.56 11.56 10.96
C LEU B 96 1.32 11.95 10.14
N ASP B 97 0.74 13.11 10.45
CA ASP B 97 -0.41 13.63 9.73
C ASP B 97 0.00 13.85 8.27
N ARG B 98 -0.87 13.46 7.34
CA ARG B 98 -0.59 13.61 5.92
C ARG B 98 0.65 12.79 5.53
N ASP B 99 0.65 11.53 5.94
CA ASP B 99 1.75 10.61 5.67
C ASP B 99 1.63 10.06 4.23
N ILE B 100 2.05 10.85 3.25
CA ILE B 100 1.93 10.44 1.86
C ILE B 100 3.00 11.09 0.99
N ALA B 101 3.49 10.33 0.01
CA ALA B 101 4.49 10.79 -0.95
C ALA B 101 4.23 10.16 -2.30
N LEU B 102 4.57 10.90 -3.36
CA LEU B 102 4.40 10.43 -4.74
C LEU B 102 5.77 10.17 -5.31
N LEU B 103 5.95 9.05 -6.00
CA LEU B 103 7.27 8.76 -6.61
C LEU B 103 7.06 8.75 -8.13
N LYS B 104 7.87 9.54 -8.83
CA LYS B 104 7.72 9.58 -10.28
C LYS B 104 8.79 8.69 -10.91
N LEU B 105 8.36 7.72 -11.72
CA LEU B 105 9.29 6.80 -12.38
C LEU B 105 10.11 7.48 -13.47
N LYS B 106 11.33 6.98 -13.69
CA LYS B 106 12.20 7.50 -14.74
C LYS B 106 11.56 7.21 -16.10
N LYS B 107 11.08 6.01 -16.32
CA LYS B 107 10.43 5.63 -17.58
C LYS B 107 9.09 5.01 -17.24
N PRO B 108 8.08 5.15 -18.12
CA PRO B 108 6.80 4.54 -17.76
C PRO B 108 6.96 3.04 -17.82
N VAL B 109 6.23 2.34 -16.97
CA VAL B 109 6.34 0.90 -16.93
C VAL B 109 5.22 0.22 -17.71
N PRO B 110 5.56 -0.76 -18.56
CA PRO B 110 4.56 -1.50 -19.36
C PRO B 110 3.74 -2.39 -18.41
N PHE B 111 2.43 -2.47 -18.64
CA PHE B 111 1.57 -3.29 -17.80
C PHE B 111 1.65 -4.74 -18.25
N SER B 112 1.24 -5.66 -17.37
CA SER B 112 1.25 -7.09 -17.65
C SER B 112 0.23 -7.79 -16.76
N ASP B 113 0.20 -9.11 -16.77
CA ASP B 113 -0.74 -9.82 -15.91
C ASP B 113 -0.44 -9.53 -14.43
N TYR B 114 0.82 -9.18 -14.13
CA TYR B 114 1.26 -8.94 -12.74
C TYR B 114 1.52 -7.50 -12.37
N ILE B 115 1.37 -6.60 -13.35
CA ILE B 115 1.66 -5.19 -13.15
C ILE B 115 0.47 -4.41 -13.69
N HIS B 116 -0.30 -3.82 -12.79
CA HIS B 116 -1.50 -3.09 -13.21
C HIS B 116 -1.87 -2.09 -12.11
N PRO B 117 -2.22 -0.84 -12.47
CA PRO B 117 -2.57 0.15 -11.44
C PRO B 117 -3.90 0.00 -10.73
N VAL B 118 -3.94 0.50 -9.50
CA VAL B 118 -5.15 0.47 -8.69
C VAL B 118 -5.84 1.84 -8.88
N CYS B 119 -7.15 1.91 -8.63
CA CYS B 119 -7.88 3.19 -8.75
C CYS B 119 -7.77 4.02 -7.48
N LEU B 120 -7.81 5.34 -7.65
CA LEU B 120 -7.83 6.28 -6.53
C LEU B 120 -9.34 6.53 -6.33
N PRO B 121 -9.78 6.67 -5.08
CA PRO B 121 -11.19 6.88 -4.76
C PRO B 121 -11.86 8.21 -5.12
N ASP B 122 -13.17 8.15 -5.38
CA ASP B 122 -13.94 9.35 -5.64
C ASP B 122 -14.87 9.50 -4.44
N LYS B 123 -15.58 10.62 -4.36
CA LYS B 123 -16.48 10.87 -3.24
C LYS B 123 -17.45 9.74 -2.97
N GLN B 124 -18.11 9.31 -4.05
CA GLN B 124 -19.11 8.26 -4.02
C GLN B 124 -18.60 6.97 -3.41
N THR B 125 -17.41 6.57 -3.82
CA THR B 125 -16.81 5.35 -3.30
C THR B 125 -16.46 5.51 -1.83
N VAL B 126 -15.93 6.67 -1.46
CA VAL B 126 -15.59 6.88 -0.06
C VAL B 126 -16.82 6.93 0.85
N THR B 127 -17.88 7.60 0.41
CA THR B 127 -19.06 7.68 1.28
C THR B 127 -19.81 6.39 1.39
N SER B 128 -19.78 5.55 0.35
CA SER B 128 -20.47 4.30 0.46
C SER B 128 -19.68 3.16 1.11
N LEU B 129 -18.35 3.16 1.01
CA LEU B 129 -17.57 2.05 1.58
C LEU B 129 -16.64 2.32 2.76
N LEU B 130 -16.18 3.56 2.94
CA LEU B 130 -15.26 3.83 4.03
C LEU B 130 -16.06 4.07 5.29
N ARG B 131 -16.65 2.99 5.80
CA ARG B 131 -17.44 3.06 7.01
C ARG B 131 -17.13 1.90 7.96
N ALA B 132 -17.34 2.19 9.25
CA ALA B 132 -17.04 1.23 10.30
C ALA B 132 -17.57 -0.14 10.00
N GLY B 133 -16.72 -1.15 10.14
CA GLY B 133 -17.14 -2.52 9.90
C GLY B 133 -16.88 -2.99 8.49
N TYR B 134 -16.77 -2.07 7.53
CA TYR B 134 -16.50 -2.51 6.16
C TYR B 134 -15.05 -2.89 6.05
N LYS B 135 -14.79 -4.02 5.40
CA LYS B 135 -13.44 -4.54 5.25
C LYS B 135 -12.67 -4.08 4.01
N GLY B 136 -11.38 -3.84 4.23
CA GLY B 136 -10.44 -3.47 3.19
C GLY B 136 -9.35 -4.54 3.25
N ARG B 137 -8.47 -4.56 2.27
CA ARG B 137 -7.42 -5.56 2.21
C ARG B 137 -6.08 -4.88 2.19
N VAL B 138 -5.14 -5.44 2.94
CA VAL B 138 -3.79 -4.89 3.02
C VAL B 138 -2.82 -5.97 2.59
N THR B 139 -1.79 -5.58 1.84
CA THR B 139 -0.79 -6.53 1.38
C THR B 139 0.59 -6.00 1.70
N GLY B 140 1.54 -6.91 1.80
CA GLY B 140 2.90 -6.49 2.07
C GLY B 140 3.85 -7.66 2.35
N TRP B 141 5.12 -7.32 2.45
CA TRP B 141 6.17 -8.27 2.73
C TRP B 141 6.73 -8.00 4.10
N GLY B 142 5.94 -7.30 4.92
CA GLY B 142 6.36 -6.99 6.28
C GLY B 142 6.42 -8.20 7.21
N ASN B 143 6.92 -8.00 8.42
CA ASN B 143 7.03 -9.08 9.38
C ASN B 143 5.70 -9.76 9.72
N LEU B 144 5.79 -11.07 9.95
CA LEU B 144 4.65 -11.91 10.27
C LEU B 144 4.14 -11.76 11.70
N ARG B 145 4.99 -11.23 12.59
CA ARG B 145 4.62 -11.00 14.01
C ARG B 145 5.38 -9.77 14.47
N GLU B 146 4.91 -9.13 15.54
CA GLU B 146 5.63 -7.96 16.05
C GLU B 146 7.10 -8.28 16.35
N THR B 147 7.36 -9.46 16.94
CA THR B 147 8.73 -9.88 17.18
C THR B 147 8.83 -11.40 17.08
N TRP B 148 10.05 -11.93 17.17
CA TRP B 148 10.26 -13.37 17.07
C TRP B 148 10.49 -13.99 18.45
N THR B 149 10.44 -15.32 18.48
CA THR B 149 10.64 -16.08 19.72
C THR B 149 12.08 -16.57 19.77
N THR B 150 12.37 -17.55 18.92
CA THR B 150 13.68 -18.19 18.83
C THR B 150 14.58 -17.74 17.70
N ASN B 151 14.09 -17.80 16.47
CA ASN B 151 14.89 -17.37 15.34
C ASN B 151 14.21 -16.27 14.53
N ILE B 152 15.00 -15.34 14.02
CA ILE B 152 14.48 -14.24 13.24
C ILE B 152 13.65 -14.71 12.05
N ASN B 153 14.09 -15.80 11.42
CA ASN B 153 13.44 -16.29 10.20
C ASN B 153 11.98 -16.69 10.36
N GLU B 154 11.57 -16.99 11.57
CA GLU B 154 10.19 -17.36 11.78
C GLU B 154 9.21 -16.20 11.47
N ILE B 155 9.69 -14.96 11.42
CA ILE B 155 8.77 -13.84 11.15
C ILE B 155 8.95 -13.13 9.81
N GLN B 156 9.87 -13.61 8.98
CA GLN B 156 10.07 -13.00 7.67
C GLN B 156 9.38 -13.91 6.66
N PRO B 157 8.44 -13.36 5.90
CA PRO B 157 7.67 -14.11 4.89
C PRO B 157 8.48 -14.45 3.64
N SER B 158 8.14 -15.58 3.00
CA SER B 158 8.86 -15.92 1.78
C SER B 158 8.16 -15.26 0.60
N VAL B 159 6.85 -15.02 0.70
CA VAL B 159 6.11 -14.34 -0.37
C VAL B 159 5.12 -13.29 0.18
N LEU B 160 4.65 -12.44 -0.72
CA LEU B 160 3.69 -11.38 -0.41
C LEU B 160 2.49 -11.89 0.37
N GLN B 161 2.16 -11.18 1.44
CA GLN B 161 1.05 -11.58 2.29
C GLN B 161 -0.17 -10.68 2.10
N VAL B 162 -1.35 -11.24 2.34
CA VAL B 162 -2.58 -10.47 2.27
C VAL B 162 -3.41 -10.72 3.52
N VAL B 163 -4.16 -9.70 3.95
CA VAL B 163 -5.03 -9.83 5.11
C VAL B 163 -6.20 -8.88 4.89
N ASN B 164 -7.39 -9.27 5.38
CA ASN B 164 -8.59 -8.44 5.27
C ASN B 164 -8.89 -7.89 6.63
N LEU B 165 -9.16 -6.59 6.69
CA LEU B 165 -9.39 -5.92 7.95
C LEU B 165 -10.55 -4.95 7.93
N PRO B 166 -11.31 -4.91 9.05
CA PRO B 166 -12.46 -3.99 9.14
C PRO B 166 -12.12 -2.58 9.64
N ILE B 167 -12.74 -1.59 9.00
CA ILE B 167 -12.57 -0.19 9.42
C ILE B 167 -13.21 -0.11 10.81
N VAL B 168 -12.61 0.71 11.68
CA VAL B 168 -13.05 0.85 13.06
C VAL B 168 -13.58 2.26 13.30
N GLU B 169 -14.61 2.38 14.14
CA GLU B 169 -15.23 3.68 14.45
C GLU B 169 -14.20 4.68 14.96
N ARG B 170 -14.32 5.95 14.54
CA ARG B 170 -13.37 6.98 14.93
C ARG B 170 -13.20 7.19 16.46
N PRO B 171 -14.30 7.17 17.24
CA PRO B 171 -14.13 7.35 18.69
C PRO B 171 -13.31 6.22 19.28
N VAL B 172 -13.53 5.02 18.76
CA VAL B 172 -12.79 3.86 19.22
C VAL B 172 -11.30 3.99 18.82
N CYS B 173 -11.03 4.47 17.60
CA CYS B 173 -9.63 4.64 17.19
C CYS B 173 -8.96 5.61 18.17
N LYS B 174 -9.62 6.75 18.39
CA LYS B 174 -9.12 7.78 19.30
C LYS B 174 -8.85 7.31 20.71
N ALA B 175 -9.70 6.44 21.22
CA ALA B 175 -9.56 5.94 22.58
C ALA B 175 -8.42 4.95 22.75
N SER B 176 -8.02 4.32 21.66
CA SER B 176 -6.96 3.31 21.69
C SER B 176 -5.53 3.82 21.70
N THR B 177 -5.32 5.12 21.56
CA THR B 177 -3.99 5.66 21.48
C THR B 177 -3.85 7.05 22.04
N ARG B 178 -2.64 7.40 22.45
CA ARG B 178 -2.40 8.71 23.02
C ARG B 178 -2.16 9.70 21.90
N ILE B 179 -1.82 9.20 20.72
CA ILE B 179 -1.57 10.08 19.59
C ILE B 179 -2.83 10.83 19.11
N ARG B 180 -2.63 12.08 18.69
CA ARG B 180 -3.72 12.91 18.18
C ARG B 180 -4.06 12.43 16.77
N ILE B 181 -5.24 11.83 16.62
CA ILE B 181 -5.71 11.30 15.33
C ILE B 181 -6.39 12.44 14.57
N THR B 182 -6.06 12.61 13.30
CA THR B 182 -6.65 13.68 12.50
C THR B 182 -7.62 13.08 11.50
N ASP B 183 -8.34 13.95 10.79
CA ASP B 183 -9.27 13.51 9.76
C ASP B 183 -8.53 12.93 8.54
N ASN B 184 -7.21 13.14 8.49
CA ASN B 184 -6.41 12.62 7.38
C ASN B 184 -5.98 11.17 7.62
N MET B 185 -6.57 10.52 8.63
CA MET B 185 -6.23 9.14 8.87
C MET B 185 -7.46 8.37 9.31
N PHE B 186 -7.41 7.05 9.15
CA PHE B 186 -8.49 6.18 9.63
C PHE B 186 -7.81 4.96 10.19
N CYS B 187 -8.53 4.16 10.97
CA CYS B 187 -7.88 2.99 11.50
C CYS B 187 -8.69 1.73 11.24
N ALA B 188 -8.02 0.58 11.27
CA ALA B 188 -8.66 -0.70 11.00
C ALA B 188 -8.06 -1.79 11.88
N GLY B 189 -8.81 -2.88 12.05
CA GLY B 189 -8.35 -3.99 12.86
C GLY B 189 -9.55 -4.63 13.54
N PHE B 190 -9.36 -5.82 14.12
CA PHE B 190 -10.45 -6.49 14.82
C PHE B 190 -10.52 -6.03 16.28
N LYS B 191 -11.71 -6.07 16.87
CA LYS B 191 -11.89 -5.64 18.25
C LYS B 191 -11.19 -6.49 19.28
N VAL B 192 -10.95 -5.88 20.43
CA VAL B 192 -10.27 -6.50 21.55
C VAL B 192 -10.78 -7.90 21.89
N ASN B 193 -11.86 -8.31 21.23
CA ASN B 193 -12.42 -9.63 21.45
C ASN B 193 -13.15 -10.23 20.25
N ASP B 194 -12.51 -10.21 19.09
CA ASP B 194 -13.11 -10.79 17.90
C ASP B 194 -12.45 -12.14 17.86
N THR B 195 -12.96 -13.02 17.00
CA THR B 195 -12.32 -14.32 16.86
C THR B 195 -10.99 -14.02 16.13
N LYS B 196 -11.12 -13.43 14.97
CA LYS B 196 -9.99 -13.05 14.12
C LYS B 196 -9.01 -12.03 14.69
N ARG B 197 -7.81 -12.10 14.14
CA ARG B 197 -6.74 -11.18 14.44
C ARG B 197 -6.15 -10.80 13.07
N GLY B 198 -5.24 -9.84 13.05
CA GLY B 198 -4.66 -9.45 11.78
C GLY B 198 -4.26 -8.00 11.84
N ASP B 199 -3.24 -7.64 11.09
CA ASP B 199 -2.78 -6.27 11.12
C ASP B 199 -1.59 -6.18 10.17
N ALA B 200 -1.17 -4.95 9.90
CA ALA B 200 0.02 -4.70 9.10
C ALA B 200 1.16 -4.78 10.13
N CYS B 201 2.41 -4.77 9.66
CA CYS B 201 3.56 -4.81 10.56
C CYS B 201 4.80 -4.16 9.92
N GLU B 202 5.89 -4.14 10.67
CA GLU B 202 7.15 -3.55 10.22
C GLU B 202 7.48 -4.03 8.84
N GLY B 203 7.54 -3.11 7.89
CA GLY B 203 7.82 -3.45 6.51
C GLY B 203 6.64 -3.24 5.57
N ASP B 204 5.40 -3.23 6.09
CA ASP B 204 4.21 -3.02 5.25
C ASP B 204 3.85 -1.55 5.00
N ALA B 205 4.42 -0.67 5.83
CA ALA B 205 4.19 0.76 5.72
C ALA B 205 4.35 1.26 4.31
N GLY B 206 3.43 2.11 3.88
CA GLY B 206 3.48 2.65 2.54
C GLY B 206 2.67 1.78 1.56
N GLY B 207 2.34 0.55 1.97
CA GLY B 207 1.56 -0.34 1.12
C GLY B 207 0.11 0.13 1.07
N PRO B 208 -0.71 -0.45 0.18
CA PRO B 208 -2.11 0.00 0.10
C PRO B 208 -3.17 -0.76 0.90
N PHE B 209 -4.20 -0.03 1.32
CA PHE B 209 -5.35 -0.62 1.99
C PHE B 209 -6.38 -0.44 0.87
N VAL B 210 -6.85 -1.54 0.28
CA VAL B 210 -7.78 -1.46 -0.83
C VAL B 210 -9.18 -2.05 -0.59
N MET B 211 -10.15 -1.57 -1.37
CA MET B 211 -11.52 -2.04 -1.31
C MET B 211 -12.03 -2.22 -2.75
N LYS B 212 -12.83 -3.26 -2.95
CA LYS B 212 -13.40 -3.57 -4.26
C LYS B 212 -14.80 -3.03 -4.31
N SER B 213 -15.01 -2.00 -5.14
CA SER B 213 -16.32 -1.40 -5.28
C SER B 213 -17.35 -2.28 -5.96
N PRO B 214 -18.50 -2.53 -5.30
CA PRO B 214 -19.57 -3.36 -5.87
C PRO B 214 -20.26 -2.61 -7.03
N PHE B 215 -20.02 -1.31 -7.11
CA PHE B 215 -20.62 -0.51 -8.17
C PHE B 215 -19.99 -0.75 -9.56
N ASN B 216 -18.67 -0.86 -9.63
CA ASN B 216 -18.06 -1.06 -10.94
C ASN B 216 -17.04 -2.17 -10.98
N ASN B 217 -16.97 -2.93 -9.89
CA ASN B 217 -16.09 -4.09 -9.82
C ASN B 217 -14.60 -3.78 -9.81
N ARG B 218 -14.24 -2.54 -9.54
CA ARG B 218 -12.83 -2.16 -9.53
C ARG B 218 -12.29 -2.05 -8.11
N TRP B 219 -10.98 -2.22 -7.97
CA TRP B 219 -10.32 -2.10 -6.68
C TRP B 219 -9.84 -0.65 -6.50
N TYR B 220 -10.13 -0.07 -5.34
CA TYR B 220 -9.75 1.29 -5.03
C TYR B 220 -8.84 1.32 -3.83
N GLN B 221 -7.85 2.22 -3.84
CA GLN B 221 -6.96 2.34 -2.72
C GLN B 221 -7.50 3.43 -1.82
N MET B 222 -8.07 3.03 -0.69
CA MET B 222 -8.65 3.97 0.26
C MET B 222 -7.63 4.48 1.25
N GLY B 223 -6.60 3.66 1.53
CA GLY B 223 -5.60 4.09 2.49
C GLY B 223 -4.19 3.62 2.19
N ILE B 224 -3.24 4.18 2.91
CA ILE B 224 -1.82 3.83 2.78
C ILE B 224 -1.44 3.40 4.20
N VAL B 225 -0.82 2.23 4.36
CA VAL B 225 -0.42 1.76 5.70
C VAL B 225 0.50 2.83 6.27
N SER B 226 0.13 3.41 7.41
CA SER B 226 0.93 4.49 7.99
C SER B 226 1.65 4.11 9.27
N TRP B 227 0.91 3.88 10.35
CA TRP B 227 1.58 3.55 11.60
C TRP B 227 0.74 2.79 12.57
N GLY B 228 1.43 2.21 13.55
CA GLY B 228 0.78 1.46 14.60
C GLY B 228 1.67 1.41 15.84
N GLU B 229 1.12 0.96 16.95
CA GLU B 229 1.89 0.83 18.17
C GLU B 229 2.00 -0.68 18.30
N GLY B 230 3.08 -1.23 17.77
CA GLY B 230 3.26 -2.67 17.78
C GLY B 230 2.45 -3.25 16.62
N CYS B 231 2.29 -4.56 16.60
CA CYS B 231 1.53 -5.22 15.53
C CYS B 231 0.61 -6.22 16.18
N ASP B 232 -0.66 -6.18 15.79
CA ASP B 232 -1.68 -7.10 16.25
C ASP B 232 -1.86 -7.18 17.76
N ARG B 233 -1.66 -6.05 18.44
CA ARG B 233 -1.84 -5.96 19.89
C ARG B 233 -3.37 -5.73 20.14
N LYS B 234 -4.00 -6.59 20.95
CA LYS B 234 -5.43 -6.40 21.16
C LYS B 234 -5.64 -5.05 21.84
N GLY B 235 -6.68 -4.34 21.41
CA GLY B 235 -6.93 -3.02 21.95
C GLY B 235 -6.23 -1.93 21.15
N LYS B 236 -5.36 -2.32 20.22
CA LYS B 236 -4.65 -1.36 19.37
C LYS B 236 -5.14 -1.53 17.92
N TYR B 237 -4.98 -0.51 17.07
CA TYR B 237 -5.42 -0.65 15.70
C TYR B 237 -4.37 -0.03 14.79
N GLY B 238 -4.33 -0.50 13.55
CA GLY B 238 -3.38 0.05 12.60
C GLY B 238 -3.96 1.34 12.06
N PHE B 239 -3.12 2.33 11.79
CA PHE B 239 -3.59 3.59 11.25
C PHE B 239 -3.19 3.77 9.79
N TYR B 240 -4.09 4.39 9.02
CA TYR B 240 -3.90 4.57 7.58
C TYR B 240 -4.12 6.00 7.14
N THR B 241 -3.35 6.41 6.12
CA THR B 241 -3.49 7.75 5.54
C THR B 241 -4.77 7.69 4.70
N HIS B 242 -5.70 8.61 4.94
CA HIS B 242 -7.00 8.65 4.24
C HIS B 242 -6.74 9.26 2.87
N VAL B 243 -6.52 8.40 1.89
CA VAL B 243 -6.16 8.87 0.55
C VAL B 243 -7.08 9.89 -0.11
N PHE B 244 -8.39 9.65 -0.07
CA PHE B 244 -9.31 10.60 -0.69
C PHE B 244 -9.10 12.04 -0.18
N ARG B 245 -8.90 12.19 1.11
CA ARG B 245 -8.69 13.48 1.73
C ARG B 245 -7.48 14.21 1.16
N LEU B 246 -6.49 13.47 0.69
CA LEU B 246 -5.29 14.11 0.16
C LEU B 246 -5.23 14.11 -1.38
N LYS B 247 -6.36 13.76 -1.99
CA LYS B 247 -6.47 13.70 -3.45
C LYS B 247 -6.17 15.00 -4.17
N ARG B 248 -6.57 16.12 -3.59
CA ARG B 248 -6.29 17.40 -4.22
C ARG B 248 -4.79 17.62 -4.33
N TRP B 249 -4.06 17.23 -3.29
CA TRP B 249 -2.61 17.39 -3.30
C TRP B 249 -1.99 16.48 -4.38
N ILE B 250 -2.52 15.27 -4.51
CA ILE B 250 -2.02 14.35 -5.53
C ILE B 250 -2.23 14.93 -6.93
N GLN B 251 -3.42 15.49 -7.16
CA GLN B 251 -3.73 16.09 -8.45
C GLN B 251 -2.81 17.27 -8.70
N LYS B 252 -2.63 18.12 -7.69
CA LYS B 252 -1.76 19.28 -7.80
C LYS B 252 -0.33 18.91 -8.19
N VAL B 253 0.25 17.93 -7.49
CA VAL B 253 1.61 17.51 -7.77
C VAL B 253 1.74 16.90 -9.17
N ILE B 254 0.87 15.95 -9.50
CA ILE B 254 0.94 15.30 -10.81
C ILE B 254 0.85 16.26 -11.98
N ASP B 255 -0.13 17.16 -11.98
CA ASP B 255 -0.22 18.01 -13.16
C ASP B 255 0.79 19.15 -13.13
N GLN B 256 1.43 19.31 -12.00
CA GLN B 256 2.44 20.32 -11.85
C GLN B 256 3.79 19.63 -12.05
N PHE B 257 3.83 18.38 -11.62
CA PHE B 257 5.03 17.56 -11.62
C PHE B 257 5.89 18.14 -10.51
N GLY B 258 5.26 18.36 -9.36
CA GLY B 258 5.97 18.93 -8.24
C GLY B 258 6.43 20.29 -8.68
N GLN C 1 24.83 -12.10 4.73
CA GLN C 1 24.32 -13.19 3.80
C GLN C 1 23.20 -12.88 2.77
N ASN C 2 23.37 -11.75 2.10
CA ASN C 2 22.46 -11.27 1.06
C ASN C 2 21.03 -11.78 1.18
N THR C 3 20.23 -10.98 1.87
CA THR C 3 18.84 -11.28 2.06
C THR C 3 18.30 -11.41 0.63
N PHE C 4 18.71 -10.45 -0.21
CA PHE C 4 18.22 -10.39 -1.57
C PHE C 4 19.06 -10.97 -2.68
N GLU C 5 18.39 -11.73 -3.53
CA GLU C 5 19.06 -12.32 -4.67
C GLU C 5 19.50 -11.15 -5.50
N GLU C 6 20.71 -11.22 -6.04
CA GLU C 6 21.22 -10.12 -6.84
C GLU C 6 20.57 -10.09 -8.20
N PHE C 7 20.54 -8.90 -8.81
CA PHE C 7 20.01 -8.72 -10.16
C PHE C 7 21.00 -7.87 -10.95
N PRO C 8 21.14 -8.16 -12.25
CA PRO C 8 22.09 -7.42 -13.11
C PRO C 8 21.71 -5.99 -13.34
N LEU C 9 22.73 -5.13 -13.33
CA LEU C 9 22.55 -3.72 -13.58
C LEU C 9 21.89 -3.52 -14.95
N SER C 10 22.13 -4.46 -15.86
CA SER C 10 21.59 -4.41 -17.21
C SER C 10 20.08 -4.63 -17.29
N ASP C 11 19.51 -5.26 -16.27
CA ASP C 11 18.08 -5.57 -16.21
C ASP C 11 17.17 -4.47 -15.68
N ILE C 12 17.76 -3.43 -15.11
CA ILE C 12 16.98 -2.32 -14.57
C ILE C 12 16.36 -1.59 -15.72
N GLU C 13 15.07 -1.26 -15.58
CA GLU C 13 14.34 -0.56 -16.62
C GLU C 13 15.17 0.60 -17.13
C1 NAG D . 16.33 16.72 1.97
C2 NAG D . 16.10 18.02 2.74
C3 NAG D . 16.01 19.31 1.81
C4 NAG D . 17.11 19.34 0.70
C5 NAG D . 17.18 17.90 0.06
C6 NAG D . 18.16 17.62 -1.08
C7 NAG D . 14.85 17.99 4.90
C8 NAG D . 13.52 18.46 5.48
N2 NAG D . 14.89 17.75 3.56
O3 NAG D . 16.19 20.48 2.62
O4 NAG D . 16.75 20.35 -0.25
O5 NAG D . 17.51 16.96 1.13
O6 NAG D . 19.48 17.73 -0.52
O7 NAG D . 15.82 17.83 5.63
#